data_3KZO
#
_entry.id   3KZO
#
_cell.length_a   129.953
_cell.length_b   129.953
_cell.length_c   129.953
_cell.angle_alpha   90.00
_cell.angle_beta   90.00
_cell.angle_gamma   90.00
#
_symmetry.space_group_name_H-M   'I 21 3'
#
loop_
_entity.id
_entity.type
_entity.pdbx_description
1 polymer 'N-acetylornithine carbamoyltransferase'
2 non-polymer N-ACETYL-L-NORVALINE
3 non-polymer 'PHOSPHORIC ACID MONO(FORMAMIDE)ESTER'
4 non-polymer GLYCEROL
5 non-polymer 'SULFATE ION'
6 water water
#
_entity_poly.entity_id   1
_entity_poly.type   'polypeptide(L)'
_entity_poly.pdbx_seq_one_letter_code
;MGSSHHHHHHSSGLVPRGSHMSLKHFLNTQDWSRAELDALLTQAALFKRNKLGSELKGKSIALVFFNPSMRTRTSFELGA
FQLGGHAVVLQPGKDAWPIEFNLGTVMDGDTEEHIAEVARVLGRYVDLIGVRAFPKFVDWSKDREDQVLKSFAKYSPVPV
INMETITHPCQELAHALALQEHFGTPDLRGKKYVLTWTYHPKPLNTAVANSALTIATRMGMDVTLLCPTPDYILDERYMD
WAAQNVAESGGSLQVSHDIDSAYAGADVVYAKSWGALPFFGNWEPEKPIRDQYQHFIVDERKMALTNNGVFSHCLPLRRN
V(KCX)ATDAVMDSPNCIAIDEAENRLHVQKAIMAALVGQSRP
;
_entity_poly.pdbx_strand_id   A
#
# COMPACT_ATOMS: atom_id res chain seq x y z
N LEU A 23 0.27 -11.97 -19.91
CA LEU A 23 0.91 -12.20 -18.58
C LEU A 23 0.23 -11.36 -17.51
N LYS A 24 -0.23 -12.03 -16.45
CA LYS A 24 -0.92 -11.37 -15.35
C LYS A 24 0.06 -10.96 -14.26
N HIS A 25 -0.03 -9.70 -13.82
CA HIS A 25 0.85 -9.18 -12.77
C HIS A 25 -0.04 -8.70 -11.62
N PHE A 26 0.57 -8.33 -10.51
CA PHE A 26 -0.20 -7.76 -9.41
C PHE A 26 0.43 -6.41 -9.14
N LEU A 27 0.08 -5.43 -9.98
CA LEU A 27 0.62 -4.10 -9.86
C LEU A 27 -0.33 -3.19 -9.09
N ASN A 28 -1.63 -3.42 -9.25
CA ASN A 28 -2.67 -2.62 -8.60
C ASN A 28 -3.99 -3.39 -8.56
N THR A 29 -4.75 -3.23 -7.47
CA THR A 29 -6.03 -3.92 -7.36
C THR A 29 -6.98 -3.39 -8.42
N GLN A 30 -6.77 -2.14 -8.83
CA GLN A 30 -7.61 -1.50 -9.83
C GLN A 30 -7.55 -2.26 -11.17
N ASP A 31 -6.43 -2.94 -11.43
CA ASP A 31 -6.26 -3.71 -12.67
C ASP A 31 -7.00 -5.04 -12.62
N TRP A 32 -7.44 -5.42 -11.43
CA TRP A 32 -8.14 -6.69 -11.23
C TRP A 32 -9.65 -6.50 -11.11
N SER A 33 -10.41 -7.51 -11.52
CA SER A 33 -11.86 -7.42 -11.42
C SER A 33 -12.26 -7.69 -9.98
N ARG A 34 -13.45 -7.24 -9.60
CA ARG A 34 -13.93 -7.46 -8.23
C ARG A 34 -14.01 -8.95 -7.92
N ALA A 35 -14.34 -9.76 -8.91
CA ALA A 35 -14.44 -11.20 -8.71
C ALA A 35 -13.06 -11.79 -8.38
N GLU A 36 -12.04 -11.32 -9.10
CA GLU A 36 -10.68 -11.81 -8.87
C GLU A 36 -10.18 -11.38 -7.49
N LEU A 37 -10.50 -10.14 -7.11
CA LEU A 37 -10.08 -9.63 -5.79
C LEU A 37 -10.79 -10.38 -4.68
N ASP A 38 -12.07 -10.69 -4.88
CA ASP A 38 -12.82 -11.43 -3.87
C ASP A 38 -12.21 -12.81 -3.72
N ALA A 39 -11.76 -13.39 -4.83
CA ALA A 39 -11.15 -14.72 -4.82
C ALA A 39 -9.83 -14.69 -4.06
N LEU A 40 -9.06 -13.62 -4.25
CA LEU A 40 -7.79 -13.47 -3.55
C LEU A 40 -8.00 -13.39 -2.05
N LEU A 41 -8.95 -12.55 -1.65
CA LEU A 41 -9.25 -12.38 -0.23
C LEU A 41 -9.73 -13.68 0.38
N THR A 42 -10.51 -14.45 -0.37
CA THR A 42 -11.00 -15.72 0.14
C THR A 42 -9.85 -16.70 0.30
N GLN A 43 -8.95 -16.76 -0.68
CA GLN A 43 -7.81 -17.67 -0.59
C GLN A 43 -6.93 -17.23 0.57
N ALA A 44 -6.88 -15.92 0.80
CA ALA A 44 -6.09 -15.37 1.90
C ALA A 44 -6.65 -15.92 3.22
N ALA A 45 -7.98 -15.87 3.34
CA ALA A 45 -8.62 -16.39 4.55
C ALA A 45 -8.35 -17.88 4.68
N LEU A 46 -8.33 -18.59 3.55
CA LEU A 46 -8.08 -20.03 3.56
C LEU A 46 -6.65 -20.33 4.02
N PHE A 47 -5.69 -19.55 3.51
CA PHE A 47 -4.29 -19.74 3.88
C PHE A 47 -4.09 -19.41 5.37
N LYS A 48 -4.90 -18.49 5.90
CA LYS A 48 -4.79 -18.12 7.30
C LYS A 48 -5.22 -19.29 8.18
N ARG A 49 -6.05 -20.17 7.63
CA ARG A 49 -6.52 -21.35 8.36
C ARG A 49 -5.54 -22.52 8.23
N ASN A 50 -4.91 -22.64 7.06
CA ASN A 50 -3.96 -23.71 6.76
C ASN A 50 -2.74 -23.04 6.15
N LYS A 51 -1.77 -22.67 6.97
CA LYS A 51 -0.58 -21.96 6.49
C LYS A 51 0.43 -22.71 5.64
N LEU A 52 0.65 -24.00 5.90
CA LEU A 52 1.61 -24.73 5.08
C LEU A 52 0.96 -25.32 3.82
N GLY A 53 1.61 -25.16 2.68
CA GLY A 53 1.07 -25.66 1.43
C GLY A 53 2.17 -25.98 0.43
N SER A 54 1.79 -26.37 -0.78
CA SER A 54 2.80 -26.69 -1.79
C SER A 54 2.61 -25.87 -3.07
N GLU A 55 1.83 -24.80 -2.98
CA GLU A 55 1.58 -23.95 -4.15
C GLU A 55 2.85 -23.40 -4.80
N LEU A 56 3.93 -23.30 -4.02
CA LEU A 56 5.18 -22.77 -4.56
C LEU A 56 6.33 -23.75 -4.41
N LYS A 57 6.02 -25.05 -4.37
CA LYS A 57 7.05 -26.06 -4.19
C LYS A 57 8.12 -26.02 -5.28
N GLY A 58 9.36 -25.78 -4.86
CA GLY A 58 10.46 -25.73 -5.79
C GLY A 58 10.51 -24.44 -6.57
N LYS A 59 9.59 -23.53 -6.28
CA LYS A 59 9.54 -22.24 -6.99
C LYS A 59 10.24 -21.18 -6.16
N SER A 60 10.51 -20.02 -6.77
CA SER A 60 11.19 -18.96 -6.04
C SER A 60 10.72 -17.57 -6.47
N ILE A 61 10.95 -16.60 -5.61
CA ILE A 61 10.56 -15.22 -5.88
C ILE A 61 11.73 -14.32 -5.52
N ALA A 62 12.03 -13.35 -6.38
CA ALA A 62 13.10 -12.40 -6.12
C ALA A 62 12.44 -11.17 -5.52
N LEU A 63 12.82 -10.80 -4.30
CA LEU A 63 12.24 -9.64 -3.65
C LEU A 63 13.25 -8.50 -3.81
N VAL A 64 12.96 -7.58 -4.72
CA VAL A 64 13.88 -6.47 -4.99
C VAL A 64 13.50 -5.23 -4.19
N PHE A 65 14.34 -4.85 -3.24
CA PHE A 65 14.08 -3.69 -2.39
C PHE A 65 14.98 -2.48 -2.69
N PHE A 66 14.37 -1.36 -3.09
CA PHE A 66 15.15 -0.16 -3.35
C PHE A 66 15.06 0.76 -2.12
N ASN A 67 14.24 0.37 -1.14
CA ASN A 67 14.04 1.12 0.10
C ASN A 67 13.89 0.17 1.30
N PRO A 68 13.89 0.70 2.55
CA PRO A 68 13.74 -0.10 3.77
C PRO A 68 12.44 -0.90 3.90
N SER A 69 12.47 -1.97 4.69
CA SER A 69 11.29 -2.81 4.93
C SER A 69 11.49 -3.83 6.04
N MET A 70 10.45 -4.04 6.85
CA MET A 70 10.52 -5.05 7.91
C MET A 70 9.41 -6.05 7.67
N ARG A 71 8.17 -5.55 7.65
CA ARG A 71 7.02 -6.41 7.43
C ARG A 71 7.01 -7.03 6.04
N THR A 72 7.23 -6.22 5.01
CA THR A 72 7.20 -6.74 3.65
C THR A 72 8.25 -7.81 3.37
N ARG A 73 9.51 -7.55 3.74
CA ARG A 73 10.55 -8.54 3.52
C ARG A 73 10.26 -9.81 4.31
N THR A 74 9.91 -9.64 5.59
CA THR A 74 9.62 -10.79 6.45
C THR A 74 8.42 -11.61 6.00
N SER A 75 7.29 -10.94 5.73
CA SER A 75 6.09 -11.65 5.32
C SER A 75 6.25 -12.38 3.98
N PHE A 76 6.86 -11.73 2.99
CA PHE A 76 7.08 -12.40 1.70
C PHE A 76 8.04 -13.57 1.86
N GLU A 77 9.12 -13.35 2.59
CA GLU A 77 10.11 -14.42 2.77
C GLU A 77 9.49 -15.63 3.45
N LEU A 78 8.72 -15.40 4.51
CA LEU A 78 8.09 -16.52 5.22
C LEU A 78 6.99 -17.14 4.36
N GLY A 79 6.29 -16.30 3.60
CA GLY A 79 5.23 -16.81 2.73
C GLY A 79 5.77 -17.79 1.72
N ALA A 80 6.88 -17.44 1.08
CA ALA A 80 7.51 -18.32 0.10
C ALA A 80 7.89 -19.63 0.77
N PHE A 81 8.50 -19.53 1.94
CA PHE A 81 8.93 -20.71 2.70
C PHE A 81 7.75 -21.65 3.05
N GLN A 82 6.67 -21.07 3.53
CA GLN A 82 5.51 -21.86 3.94
C GLN A 82 4.79 -22.55 2.79
N LEU A 83 4.99 -22.06 1.58
CA LEU A 83 4.36 -22.67 0.40
C LEU A 83 5.34 -23.55 -0.35
N GLY A 84 6.46 -23.87 0.29
CA GLY A 84 7.46 -24.74 -0.30
C GLY A 84 8.46 -24.12 -1.26
N GLY A 85 8.45 -22.80 -1.36
CA GLY A 85 9.37 -22.11 -2.26
C GLY A 85 10.50 -21.44 -1.51
N HIS A 86 11.18 -20.50 -2.19
CA HIS A 86 12.31 -19.77 -1.59
C HIS A 86 12.37 -18.35 -2.13
N ALA A 87 12.60 -17.39 -1.24
CA ALA A 87 12.71 -15.98 -1.64
C ALA A 87 14.18 -15.55 -1.61
N VAL A 88 14.61 -14.82 -2.64
CA VAL A 88 15.96 -14.31 -2.69
C VAL A 88 15.80 -12.81 -2.49
N VAL A 89 16.40 -12.27 -1.44
CA VAL A 89 16.26 -10.84 -1.16
C VAL A 89 17.42 -10.05 -1.78
N LEU A 90 17.08 -9.07 -2.60
CA LEU A 90 18.08 -8.26 -3.27
C LEU A 90 17.92 -6.77 -2.99
N GLN A 91 19.04 -6.06 -2.84
CA GLN A 91 19.01 -4.62 -2.56
C GLN A 91 19.99 -3.87 -3.47
N PRO A 92 19.54 -3.47 -4.67
CA PRO A 92 20.40 -2.74 -5.60
C PRO A 92 21.07 -1.54 -4.93
N GLY A 93 22.37 -1.39 -5.14
CA GLY A 93 23.08 -0.28 -4.53
C GLY A 93 23.70 -0.71 -3.22
N LYS A 94 23.17 -1.78 -2.64
CA LYS A 94 23.69 -2.31 -1.39
C LYS A 94 24.49 -3.58 -1.71
N ASP A 95 23.80 -4.62 -2.16
CA ASP A 95 24.49 -5.86 -2.52
C ASP A 95 24.44 -6.08 -4.03
N ALA A 96 23.27 -5.88 -4.64
CA ALA A 96 23.12 -6.03 -6.08
C ALA A 96 23.62 -4.73 -6.74
N TRP A 97 23.89 -4.77 -8.03
CA TRP A 97 24.37 -3.59 -8.76
C TRP A 97 23.25 -2.57 -9.02
N PRO A 98 23.58 -1.26 -9.03
CA PRO A 98 22.60 -0.21 -9.28
C PRO A 98 21.99 -0.35 -10.68
N ILE A 99 20.70 -0.04 -10.82
CA ILE A 99 20.01 -0.22 -12.10
C ILE A 99 19.50 1.04 -12.81
N GLU A 100 19.65 1.03 -14.14
CA GLU A 100 19.22 2.13 -15.00
C GLU A 100 17.85 1.78 -15.63
N PHE A 101 16.94 2.74 -15.67
CA PHE A 101 15.61 2.50 -16.24
C PHE A 101 15.28 3.30 -17.48
N ASN A 102 15.91 4.47 -17.65
CA ASN A 102 15.66 5.30 -18.82
C ASN A 102 16.13 4.58 -20.08
N LEU A 103 15.38 4.74 -21.17
CA LEU A 103 15.71 4.07 -22.42
C LEU A 103 16.63 4.87 -23.35
N GLY A 104 17.46 4.14 -24.09
CA GLY A 104 18.38 4.74 -25.04
C GLY A 104 19.40 5.76 -24.54
N THR A 105 19.71 5.74 -23.25
CA THR A 105 20.69 6.68 -22.71
C THR A 105 22.09 6.06 -22.64
N VAL A 106 23.10 6.91 -22.56
CA VAL A 106 24.49 6.46 -22.46
C VAL A 106 24.79 6.21 -20.97
N MET A 107 25.01 4.94 -20.62
CA MET A 107 25.26 4.58 -19.23
C MET A 107 26.70 4.81 -18.75
N ASP A 108 27.03 6.09 -18.56
CA ASP A 108 28.36 6.48 -18.08
C ASP A 108 28.23 7.14 -16.71
N GLY A 109 27.14 6.85 -16.01
CA GLY A 109 26.91 7.44 -14.71
C GLY A 109 27.09 6.47 -13.54
N ASP A 110 26.16 6.53 -12.59
CA ASP A 110 26.22 5.67 -11.40
C ASP A 110 25.64 4.28 -11.60
N THR A 111 24.74 4.12 -12.57
CA THR A 111 24.12 2.83 -12.82
C THR A 111 25.01 1.89 -13.65
N GLU A 112 25.12 0.64 -13.20
CA GLU A 112 25.96 -0.38 -13.86
C GLU A 112 25.27 -1.19 -14.94
N GLU A 113 23.98 -1.47 -14.78
CA GLU A 113 23.26 -2.23 -15.80
C GLU A 113 21.83 -1.74 -15.99
N HIS A 114 21.23 -2.14 -17.10
CA HIS A 114 19.88 -1.71 -17.45
C HIS A 114 18.80 -2.71 -17.04
N ILE A 115 17.63 -2.20 -16.66
CA ILE A 115 16.53 -3.05 -16.23
C ILE A 115 16.19 -4.09 -17.31
N ALA A 116 16.45 -3.75 -18.57
CA ALA A 116 16.17 -4.68 -19.66
C ALA A 116 16.91 -6.00 -19.40
N GLU A 117 18.18 -5.91 -19.03
CA GLU A 117 18.98 -7.09 -18.74
C GLU A 117 18.62 -7.67 -17.38
N VAL A 118 18.46 -6.82 -16.38
CA VAL A 118 18.13 -7.26 -15.04
C VAL A 118 16.87 -8.12 -14.98
N ALA A 119 15.77 -7.60 -15.55
CA ALA A 119 14.50 -8.32 -15.54
C ALA A 119 14.56 -9.63 -16.33
N ARG A 120 15.26 -9.62 -17.46
CA ARG A 120 15.39 -10.82 -18.27
C ARG A 120 16.23 -11.88 -17.58
N VAL A 121 17.30 -11.46 -16.92
CA VAL A 121 18.16 -12.41 -16.21
C VAL A 121 17.38 -13.03 -15.04
N LEU A 122 16.76 -12.18 -14.22
CA LEU A 122 16.00 -12.71 -13.08
C LEU A 122 14.93 -13.66 -13.57
N GLY A 123 14.35 -13.35 -14.73
CA GLY A 123 13.31 -14.18 -15.29
C GLY A 123 13.77 -15.57 -15.68
N ARG A 124 15.09 -15.76 -15.72
CA ARG A 124 15.64 -17.08 -16.05
C ARG A 124 15.93 -17.84 -14.76
N TYR A 125 15.90 -17.13 -13.64
CA TYR A 125 16.18 -17.71 -12.32
C TYR A 125 14.94 -17.99 -11.47
N VAL A 126 14.11 -16.96 -11.31
CA VAL A 126 12.93 -17.06 -10.46
C VAL A 126 11.60 -17.16 -11.20
N ASP A 127 10.55 -17.44 -10.43
CA ASP A 127 9.22 -17.60 -10.98
C ASP A 127 8.35 -16.38 -10.78
N LEU A 128 8.77 -15.51 -9.86
CA LEU A 128 8.05 -14.29 -9.54
C LEU A 128 9.05 -13.20 -9.12
N ILE A 129 8.70 -11.95 -9.36
CA ILE A 129 9.55 -10.83 -8.96
C ILE A 129 8.73 -9.77 -8.23
N GLY A 130 9.13 -9.45 -7.01
CA GLY A 130 8.46 -8.42 -6.26
C GLY A 130 9.37 -7.19 -6.27
N VAL A 131 8.79 -6.00 -6.30
CA VAL A 131 9.63 -4.80 -6.30
C VAL A 131 9.06 -3.68 -5.45
N ARG A 132 9.94 -3.09 -4.65
CA ARG A 132 9.59 -1.98 -3.78
C ARG A 132 10.49 -0.83 -4.19
N ALA A 133 9.88 0.29 -4.54
CA ALA A 133 10.66 1.44 -4.97
C ALA A 133 9.86 2.72 -4.72
N PHE A 134 10.26 3.46 -3.70
CA PHE A 134 9.59 4.69 -3.34
C PHE A 134 9.93 5.81 -4.32
N PRO A 135 9.08 6.84 -4.39
CA PRO A 135 9.40 7.94 -5.31
C PRO A 135 10.67 8.63 -4.80
N LYS A 136 11.29 9.43 -5.67
CA LYS A 136 12.52 10.15 -5.33
C LYS A 136 12.23 11.48 -4.60
N PHE A 137 10.98 11.92 -4.65
CA PHE A 137 10.54 13.15 -4.00
C PHE A 137 11.16 14.43 -4.58
N VAL A 138 11.73 14.34 -5.77
CA VAL A 138 12.33 15.50 -6.41
C VAL A 138 11.36 16.16 -7.39
N ASP A 139 10.51 15.34 -7.99
CA ASP A 139 9.54 15.82 -8.97
C ASP A 139 8.41 14.80 -9.15
N TRP A 140 7.24 15.12 -8.61
CA TRP A 140 6.09 14.22 -8.68
C TRP A 140 5.71 13.88 -10.13
N SER A 141 6.01 14.79 -11.05
CA SER A 141 5.71 14.56 -12.46
C SER A 141 6.39 13.29 -12.95
N LYS A 142 7.57 13.00 -12.41
CA LYS A 142 8.29 11.79 -12.81
C LYS A 142 7.98 10.62 -11.90
N ASP A 143 7.84 10.88 -10.59
CA ASP A 143 7.54 9.81 -9.66
C ASP A 143 6.19 9.14 -9.96
N ARG A 144 5.19 9.95 -10.31
CA ARG A 144 3.85 9.43 -10.60
C ARG A 144 3.78 8.51 -11.82
N GLU A 145 4.83 8.49 -12.63
CA GLU A 145 4.82 7.63 -13.80
C GLU A 145 5.06 6.17 -13.43
N ASP A 146 5.52 5.92 -12.20
CA ASP A 146 5.73 4.55 -11.73
C ASP A 146 6.70 3.81 -12.66
N GLN A 147 7.79 4.49 -13.01
CA GLN A 147 8.78 3.93 -13.94
C GLN A 147 9.42 2.59 -13.54
N VAL A 148 9.89 2.47 -12.31
CA VAL A 148 10.52 1.23 -11.87
C VAL A 148 9.56 0.04 -12.02
N LEU A 149 8.38 0.15 -11.43
CA LEU A 149 7.40 -0.94 -11.50
C LEU A 149 7.00 -1.30 -12.93
N LYS A 150 6.69 -0.28 -13.73
CA LYS A 150 6.30 -0.50 -15.11
C LYS A 150 7.41 -1.15 -15.93
N SER A 151 8.65 -0.76 -15.65
CA SER A 151 9.79 -1.33 -16.36
C SER A 151 9.96 -2.81 -16.05
N PHE A 152 9.80 -3.18 -14.78
CA PHE A 152 9.92 -4.59 -14.42
C PHE A 152 8.82 -5.39 -15.12
N ALA A 153 7.60 -4.87 -15.08
CA ALA A 153 6.46 -5.55 -15.70
C ALA A 153 6.64 -5.65 -17.22
N LYS A 154 7.27 -4.64 -17.82
CA LYS A 154 7.50 -4.62 -19.26
C LYS A 154 8.52 -5.67 -19.68
N TYR A 155 9.68 -5.66 -19.02
CA TYR A 155 10.77 -6.57 -19.37
C TYR A 155 10.79 -7.96 -18.73
N SER A 156 10.05 -8.16 -17.64
CA SER A 156 10.05 -9.47 -16.98
C SER A 156 9.21 -10.54 -17.67
N PRO A 157 9.78 -11.74 -17.89
CA PRO A 157 9.02 -12.82 -18.53
C PRO A 157 8.16 -13.55 -17.49
N VAL A 158 8.28 -13.14 -16.23
CA VAL A 158 7.50 -13.75 -15.14
C VAL A 158 6.69 -12.67 -14.43
N PRO A 159 5.62 -13.07 -13.73
CA PRO A 159 4.77 -12.11 -13.01
C PRO A 159 5.52 -11.21 -12.04
N VAL A 160 5.11 -9.95 -12.00
CA VAL A 160 5.69 -8.93 -11.14
C VAL A 160 4.68 -8.53 -10.07
N ILE A 161 5.17 -8.33 -8.84
CA ILE A 161 4.33 -7.94 -7.71
C ILE A 161 4.80 -6.62 -7.09
N ASN A 162 3.87 -5.69 -6.94
CA ASN A 162 4.14 -4.37 -6.37
C ASN A 162 4.27 -4.50 -4.85
N MET A 163 5.47 -4.26 -4.32
CA MET A 163 5.71 -4.36 -2.87
C MET A 163 5.72 -2.97 -2.24
N GLU A 164 5.16 -2.03 -3.01
CA GLU A 164 5.00 -0.60 -2.72
C GLU A 164 5.88 0.34 -3.55
N THR A 165 5.22 1.15 -4.38
CA THR A 165 5.90 2.16 -5.18
C THR A 165 5.09 3.44 -4.93
N ILE A 166 4.10 3.72 -5.78
CA ILE A 166 3.25 4.90 -5.55
C ILE A 166 1.84 4.45 -5.11
N THR A 167 1.68 3.12 -5.01
CA THR A 167 0.47 2.48 -4.51
C THR A 167 1.01 1.30 -3.69
N HIS A 168 0.18 0.73 -2.83
CA HIS A 168 0.62 -0.39 -1.98
C HIS A 168 -0.54 -1.39 -1.94
N PRO A 169 -0.80 -2.07 -3.08
CA PRO A 169 -1.88 -3.05 -3.21
C PRO A 169 -1.87 -4.24 -2.25
N CYS A 170 -0.69 -4.69 -1.82
CA CYS A 170 -0.66 -5.82 -0.88
C CYS A 170 -1.23 -5.33 0.44
N GLN A 171 -0.97 -4.06 0.75
CA GLN A 171 -1.48 -3.47 2.00
C GLN A 171 -3.00 -3.32 1.89
N GLU A 172 -3.48 -2.97 0.71
CA GLU A 172 -4.93 -2.81 0.50
C GLU A 172 -5.69 -4.08 0.87
N LEU A 173 -5.20 -5.22 0.39
CA LEU A 173 -5.88 -6.48 0.66
C LEU A 173 -5.74 -6.95 2.11
N ALA A 174 -4.60 -6.65 2.73
CA ALA A 174 -4.39 -7.05 4.13
C ALA A 174 -5.39 -6.24 4.96
N HIS A 175 -5.51 -4.97 4.61
CA HIS A 175 -6.41 -4.03 5.26
C HIS A 175 -7.87 -4.45 5.08
N ALA A 176 -8.27 -4.69 3.82
CA ALA A 176 -9.64 -5.10 3.52
C ALA A 176 -10.01 -6.38 4.28
N LEU A 177 -9.12 -7.37 4.25
CA LEU A 177 -9.39 -8.63 4.94
C LEU A 177 -9.60 -8.37 6.44
N ALA A 178 -8.73 -7.55 7.03
CA ALA A 178 -8.85 -7.25 8.45
C ALA A 178 -10.21 -6.64 8.74
N LEU A 179 -10.70 -5.81 7.83
CA LEU A 179 -12.00 -5.18 8.02
C LEU A 179 -13.11 -6.22 7.91
N GLN A 180 -13.02 -7.10 6.92
CA GLN A 180 -14.04 -8.13 6.75
C GLN A 180 -14.06 -9.05 7.98
N GLU A 181 -12.88 -9.29 8.56
CA GLU A 181 -12.79 -10.16 9.73
C GLU A 181 -13.41 -9.47 10.94
N HIS A 182 -13.12 -8.17 11.09
CA HIS A 182 -13.65 -7.40 12.21
C HIS A 182 -15.19 -7.31 12.18
N PHE A 183 -15.74 -7.01 11.00
CA PHE A 183 -17.20 -6.90 10.88
C PHE A 183 -17.91 -8.23 10.62
N GLY A 184 -17.14 -9.31 10.53
CA GLY A 184 -17.71 -10.63 10.31
C GLY A 184 -18.46 -10.83 9.01
N THR A 185 -18.03 -10.16 7.95
CA THR A 185 -18.68 -10.29 6.65
C THR A 185 -17.83 -9.67 5.55
N PRO A 186 -17.85 -10.26 4.34
CA PRO A 186 -17.06 -9.71 3.23
C PRO A 186 -17.66 -8.44 2.66
N ASP A 187 -18.95 -8.23 2.92
CA ASP A 187 -19.68 -7.07 2.41
C ASP A 187 -19.55 -5.87 3.35
N LEU A 188 -18.72 -4.90 2.96
CA LEU A 188 -18.49 -3.71 3.77
C LEU A 188 -19.35 -2.51 3.37
N ARG A 189 -20.22 -2.69 2.37
CA ARG A 189 -21.08 -1.58 1.95
C ARG A 189 -21.84 -1.00 3.14
N GLY A 190 -22.03 0.31 3.13
CA GLY A 190 -22.76 0.95 4.22
C GLY A 190 -21.86 1.62 5.25
N LYS A 191 -20.83 0.90 5.69
CA LYS A 191 -19.90 1.42 6.69
C LYS A 191 -19.26 2.75 6.29
N LYS A 192 -19.08 3.63 7.28
CA LYS A 192 -18.48 4.94 7.06
C LYS A 192 -16.97 4.82 7.24
N TYR A 193 -16.22 5.04 6.17
CA TYR A 193 -14.76 4.93 6.20
C TYR A 193 -14.07 6.28 6.15
N VAL A 194 -13.23 6.55 7.13
CA VAL A 194 -12.50 7.81 7.18
C VAL A 194 -10.99 7.63 6.98
N LEU A 195 -10.50 8.15 5.87
CA LEU A 195 -9.06 8.10 5.58
C LEU A 195 -8.53 9.46 6.02
N THR A 196 -7.87 9.48 7.16
CA THR A 196 -7.35 10.74 7.67
C THR A 196 -5.84 10.89 7.57
N TRP A 197 -5.41 12.11 7.24
CA TRP A 197 -4.02 12.46 7.15
C TRP A 197 -3.56 12.62 8.59
N THR A 198 -2.29 12.41 8.86
CA THR A 198 -1.74 12.58 10.21
C THR A 198 -0.37 13.21 10.11
N TYR A 199 0.14 13.68 11.25
CA TYR A 199 1.43 14.35 11.28
C TYR A 199 2.66 13.44 11.25
N HIS A 200 3.79 14.01 10.81
CA HIS A 200 5.08 13.33 10.73
C HIS A 200 6.08 14.46 10.48
N PRO A 201 7.24 14.43 11.15
CA PRO A 201 8.23 15.50 10.95
C PRO A 201 8.72 15.64 9.51
N LYS A 202 8.51 14.62 8.70
CA LYS A 202 8.95 14.66 7.31
C LYS A 202 7.82 14.34 6.34
N PRO A 203 7.93 14.84 5.10
CA PRO A 203 6.92 14.59 4.07
C PRO A 203 7.10 13.17 3.55
N LEU A 204 6.02 12.39 3.56
CA LEU A 204 6.09 11.00 3.10
C LEU A 204 5.37 10.71 1.79
N ASN A 205 5.56 9.49 1.34
CA ASN A 205 4.96 8.93 0.13
C ASN A 205 3.43 8.92 0.29
N THR A 206 2.70 9.15 -0.80
CA THR A 206 1.23 9.12 -0.73
C THR A 206 0.69 7.72 -1.04
N ALA A 207 1.60 6.82 -1.43
CA ALA A 207 1.27 5.45 -1.79
C ALA A 207 0.18 4.75 -0.96
N VAL A 208 0.38 4.66 0.35
CA VAL A 208 -0.60 4.00 1.19
C VAL A 208 -1.94 4.73 1.20
N ALA A 209 -1.92 6.05 1.12
CA ALA A 209 -3.15 6.83 1.10
C ALA A 209 -3.89 6.62 -0.21
N ASN A 210 -3.14 6.56 -1.31
CA ASN A 210 -3.74 6.33 -2.62
C ASN A 210 -4.41 4.96 -2.64
N SER A 211 -3.73 4.00 -2.03
CA SER A 211 -4.23 2.64 -1.95
C SER A 211 -5.46 2.49 -1.06
N ALA A 212 -5.44 3.17 0.08
CA ALA A 212 -6.57 3.11 1.00
C ALA A 212 -7.80 3.68 0.31
N LEU A 213 -7.63 4.82 -0.36
CA LEU A 213 -8.74 5.46 -1.06
C LEU A 213 -9.30 4.55 -2.14
N THR A 214 -8.40 3.85 -2.83
CA THR A 214 -8.77 2.94 -3.90
C THR A 214 -9.56 1.71 -3.44
N ILE A 215 -9.05 1.01 -2.45
CA ILE A 215 -9.72 -0.20 -1.97
C ILE A 215 -10.99 0.09 -1.14
N ALA A 216 -10.97 1.16 -0.37
CA ALA A 216 -12.12 1.54 0.45
C ALA A 216 -13.33 1.78 -0.44
N THR A 217 -13.11 2.44 -1.57
CA THR A 217 -14.20 2.74 -2.50
C THR A 217 -14.57 1.50 -3.32
N ARG A 218 -13.56 0.69 -3.67
CA ARG A 218 -13.79 -0.52 -4.44
C ARG A 218 -14.67 -1.47 -3.63
N MET A 219 -14.56 -1.38 -2.31
CA MET A 219 -15.35 -2.22 -1.41
C MET A 219 -16.71 -1.60 -1.15
N GLY A 220 -16.99 -0.48 -1.80
CA GLY A 220 -18.27 0.20 -1.66
C GLY A 220 -18.60 0.85 -0.33
N MET A 221 -17.61 1.42 0.34
CA MET A 221 -17.88 2.09 1.62
C MET A 221 -18.11 3.59 1.41
N ASP A 222 -18.63 4.24 2.44
CA ASP A 222 -18.87 5.69 2.41
C ASP A 222 -17.56 6.32 2.87
N VAL A 223 -16.73 6.67 1.90
CA VAL A 223 -15.41 7.24 2.14
C VAL A 223 -15.27 8.75 2.28
N THR A 224 -14.50 9.17 3.28
CA THR A 224 -14.22 10.57 3.51
C THR A 224 -12.71 10.77 3.61
N LEU A 225 -12.17 11.59 2.73
CA LEU A 225 -10.75 11.87 2.74
C LEU A 225 -10.53 13.13 3.57
N LEU A 226 -10.16 12.93 4.83
CA LEU A 226 -9.93 14.04 5.75
C LEU A 226 -8.46 14.46 5.70
N CYS A 227 -8.23 15.73 5.35
CA CYS A 227 -6.88 16.27 5.29
C CYS A 227 -6.89 17.75 5.66
N PRO A 228 -5.74 18.28 6.08
CA PRO A 228 -5.62 19.69 6.47
C PRO A 228 -6.14 20.73 5.48
N THR A 229 -5.53 20.80 4.29
CA THR A 229 -5.94 21.76 3.27
C THR A 229 -6.02 21.12 1.89
N PRO A 230 -6.65 21.82 0.94
CA PRO A 230 -6.77 21.30 -0.43
C PRO A 230 -5.44 20.89 -1.05
N ASP A 231 -4.35 21.42 -0.51
CA ASP A 231 -3.02 21.09 -1.00
C ASP A 231 -2.65 19.64 -0.70
N TYR A 232 -3.35 19.03 0.26
CA TYR A 232 -3.07 17.66 0.64
C TYR A 232 -3.96 16.63 -0.03
N ILE A 233 -4.78 17.09 -0.97
CA ILE A 233 -5.66 16.18 -1.71
C ILE A 233 -4.75 15.31 -2.56
N LEU A 234 -5.13 14.04 -2.74
CA LEU A 234 -4.31 13.11 -3.52
C LEU A 234 -4.34 13.38 -5.02
N ASP A 235 -3.43 12.72 -5.75
CA ASP A 235 -3.35 12.89 -7.19
C ASP A 235 -4.69 12.61 -7.84
N GLU A 236 -5.00 13.34 -8.91
CA GLU A 236 -6.26 13.17 -9.61
C GLU A 236 -6.48 11.73 -10.04
N ARG A 237 -5.40 11.05 -10.40
CA ARG A 237 -5.49 9.66 -10.83
C ARG A 237 -6.28 8.81 -9.85
N TYR A 238 -5.97 8.96 -8.56
CA TYR A 238 -6.63 8.17 -7.53
C TYR A 238 -7.99 8.74 -7.12
N MET A 239 -8.15 10.05 -7.20
CA MET A 239 -9.44 10.64 -6.87
C MET A 239 -10.42 10.13 -7.93
N ASP A 240 -9.94 9.98 -9.16
CA ASP A 240 -10.77 9.49 -10.25
C ASP A 240 -11.05 8.00 -10.13
N TRP A 241 -10.05 7.22 -9.71
CA TRP A 241 -10.26 5.79 -9.54
C TRP A 241 -11.37 5.62 -8.52
N ALA A 242 -11.29 6.41 -7.45
CA ALA A 242 -12.27 6.37 -6.37
C ALA A 242 -13.67 6.71 -6.87
N ALA A 243 -13.76 7.72 -7.73
CA ALA A 243 -15.05 8.14 -8.29
C ALA A 243 -15.68 7.02 -9.08
N GLN A 244 -14.88 6.36 -9.90
CA GLN A 244 -15.36 5.26 -10.73
C GLN A 244 -15.72 4.06 -9.87
N ASN A 245 -14.96 3.85 -8.80
CA ASN A 245 -15.22 2.73 -7.89
C ASN A 245 -16.56 2.93 -7.17
N VAL A 246 -16.81 4.16 -6.73
CA VAL A 246 -18.05 4.48 -6.03
C VAL A 246 -19.25 4.27 -6.93
N ALA A 247 -19.19 4.81 -8.15
CA ALA A 247 -20.28 4.69 -9.09
C ALA A 247 -20.55 3.26 -9.52
N GLU A 248 -19.71 2.33 -9.07
CA GLU A 248 -19.88 0.92 -9.42
C GLU A 248 -20.08 0.04 -8.20
N SER A 249 -19.67 0.53 -7.03
CA SER A 249 -19.78 -0.22 -5.79
C SER A 249 -20.98 0.20 -4.95
N GLY A 250 -21.43 1.43 -5.15
CA GLY A 250 -22.57 1.91 -4.38
C GLY A 250 -22.20 2.79 -3.21
N GLY A 251 -20.90 2.95 -2.96
CA GLY A 251 -20.45 3.77 -1.86
C GLY A 251 -20.52 5.25 -2.17
N SER A 252 -19.58 6.01 -1.62
CA SER A 252 -19.53 7.45 -1.86
C SER A 252 -18.18 8.04 -1.46
N LEU A 253 -17.78 9.13 -2.12
CA LEU A 253 -16.51 9.77 -1.84
C LEU A 253 -16.73 11.22 -1.42
N GLN A 254 -15.89 11.69 -0.51
CA GLN A 254 -16.02 13.05 -0.01
C GLN A 254 -14.70 13.54 0.56
N VAL A 255 -14.36 14.80 0.28
CA VAL A 255 -13.13 15.39 0.80
C VAL A 255 -13.51 16.33 1.94
N SER A 256 -12.79 16.24 3.05
CA SER A 256 -13.09 17.08 4.20
C SER A 256 -11.85 17.70 4.85
N HIS A 257 -12.05 18.82 5.53
CA HIS A 257 -10.97 19.52 6.20
C HIS A 257 -11.35 19.79 7.65
N ASP A 258 -12.51 19.26 8.06
CA ASP A 258 -13.00 19.42 9.42
C ASP A 258 -12.93 18.09 10.15
N ILE A 259 -12.07 18.01 11.16
CA ILE A 259 -11.88 16.79 11.94
C ILE A 259 -13.17 16.20 12.52
N ASP A 260 -13.69 16.84 13.55
CA ASP A 260 -14.90 16.38 14.24
C ASP A 260 -16.04 15.89 13.36
N SER A 261 -16.35 16.63 12.29
CA SER A 261 -17.44 16.22 11.41
C SER A 261 -17.09 14.92 10.70
N ALA A 262 -15.83 14.78 10.29
CA ALA A 262 -15.38 13.58 9.60
C ALA A 262 -15.47 12.33 10.47
N TYR A 263 -14.91 12.40 11.67
CA TYR A 263 -14.92 11.26 12.59
C TYR A 263 -16.31 10.83 13.05
N ALA A 264 -17.21 11.79 13.22
CA ALA A 264 -18.57 11.50 13.70
C ALA A 264 -19.26 10.31 13.02
N GLY A 265 -19.59 9.29 13.81
CA GLY A 265 -20.26 8.12 13.30
C GLY A 265 -19.46 7.19 12.40
N ALA A 266 -18.15 7.41 12.32
CA ALA A 266 -17.31 6.57 11.47
C ALA A 266 -17.23 5.14 11.99
N ASP A 267 -17.07 4.19 11.07
CA ASP A 267 -16.96 2.77 11.41
C ASP A 267 -15.49 2.35 11.31
N VAL A 268 -14.74 3.06 10.49
CA VAL A 268 -13.33 2.77 10.31
C VAL A 268 -12.55 4.07 10.14
N VAL A 269 -11.38 4.13 10.78
CA VAL A 269 -10.50 5.28 10.68
C VAL A 269 -9.10 4.77 10.35
N TYR A 270 -8.60 5.15 9.19
CA TYR A 270 -7.28 4.74 8.73
C TYR A 270 -6.43 5.98 8.56
N ALA A 271 -5.37 6.10 9.34
CA ALA A 271 -4.49 7.26 9.26
C ALA A 271 -3.24 6.99 8.45
N LYS A 272 -2.70 8.05 7.85
CA LYS A 272 -1.48 7.99 7.06
C LYS A 272 -0.99 9.41 6.80
N SER A 273 0.31 9.61 6.89
CA SER A 273 0.88 10.92 6.65
C SER A 273 1.51 10.94 5.27
N TRP A 274 1.50 12.10 4.63
CA TRP A 274 2.08 12.24 3.30
C TRP A 274 2.34 13.70 2.98
N GLY A 275 3.37 13.96 2.19
CA GLY A 275 3.68 15.33 1.82
C GLY A 275 2.72 15.83 0.75
N ALA A 276 2.37 17.11 0.83
CA ALA A 276 1.46 17.70 -0.14
C ALA A 276 2.09 17.68 -1.52
N LEU A 277 1.41 17.07 -2.48
CA LEU A 277 1.91 16.95 -3.84
C LEU A 277 2.35 18.26 -4.50
N PRO A 278 1.62 19.35 -4.26
CA PRO A 278 2.02 20.63 -4.86
C PRO A 278 3.38 21.16 -4.40
N PHE A 279 3.95 20.55 -3.36
CA PHE A 279 5.24 20.97 -2.84
C PHE A 279 6.38 20.00 -3.10
N PHE A 280 6.22 19.14 -4.10
CA PHE A 280 7.28 18.18 -4.42
C PHE A 280 8.52 18.89 -4.95
N GLY A 281 9.68 18.52 -4.43
CA GLY A 281 10.92 19.14 -4.87
C GLY A 281 11.10 20.50 -4.25
N ASN A 282 10.16 20.88 -3.40
CA ASN A 282 10.18 22.18 -2.73
C ASN A 282 9.51 22.01 -1.36
N TRP A 283 10.14 21.23 -0.49
CA TRP A 283 9.61 20.95 0.83
C TRP A 283 9.87 22.02 1.87
N GLU A 284 10.84 22.89 1.62
CA GLU A 284 11.18 23.96 2.55
C GLU A 284 9.93 24.69 3.07
N PRO A 285 9.09 25.21 2.16
CA PRO A 285 7.88 25.91 2.56
C PRO A 285 6.76 25.04 3.12
N GLU A 286 6.80 23.75 2.83
CA GLU A 286 5.76 22.85 3.32
C GLU A 286 5.96 22.48 4.79
N LYS A 287 7.21 22.53 5.25
CA LYS A 287 7.52 22.20 6.63
C LYS A 287 6.65 22.97 7.63
N PRO A 288 6.64 24.31 7.52
CA PRO A 288 5.82 25.09 8.45
C PRO A 288 4.32 24.82 8.32
N ILE A 289 3.91 24.35 7.14
CA ILE A 289 2.51 24.05 6.88
C ILE A 289 2.03 22.81 7.63
N ARG A 290 2.78 21.71 7.52
CA ARG A 290 2.40 20.48 8.21
C ARG A 290 2.51 20.69 9.72
N ASP A 291 3.56 21.39 10.13
CA ASP A 291 3.82 21.66 11.54
C ASP A 291 2.69 22.36 12.29
N GLN A 292 1.78 23.01 11.57
CA GLN A 292 0.67 23.69 12.22
C GLN A 292 -0.56 22.80 12.28
N TYR A 293 -0.40 21.54 11.87
CA TYR A 293 -1.50 20.59 11.88
C TYR A 293 -1.16 19.32 12.66
N GLN A 294 -0.34 19.46 13.70
CA GLN A 294 0.05 18.32 14.51
C GLN A 294 -1.16 17.79 15.29
N HIS A 295 -2.21 18.59 15.37
CA HIS A 295 -3.42 18.20 16.07
C HIS A 295 -4.24 17.16 15.32
N PHE A 296 -3.81 16.82 14.11
CA PHE A 296 -4.52 15.81 13.33
C PHE A 296 -4.19 14.42 13.86
N ILE A 297 -3.37 14.38 14.91
CA ILE A 297 -2.99 13.12 15.53
C ILE A 297 -4.25 12.38 15.98
N VAL A 298 -4.27 11.07 15.78
CA VAL A 298 -5.43 10.28 16.18
C VAL A 298 -5.34 9.94 17.66
N ASP A 299 -6.21 10.56 18.45
CA ASP A 299 -6.24 10.34 19.89
C ASP A 299 -7.60 9.82 20.35
N GLU A 300 -7.74 9.62 21.66
CA GLU A 300 -8.99 9.11 22.20
C GLU A 300 -10.18 10.01 21.90
N ARG A 301 -9.95 11.32 21.99
CA ARG A 301 -11.01 12.30 21.75
C ARG A 301 -11.70 12.09 20.40
N LYS A 302 -10.92 12.02 19.33
CA LYS A 302 -11.46 11.83 18.00
C LYS A 302 -12.13 10.47 17.82
N MET A 303 -11.47 9.42 18.29
CA MET A 303 -12.02 8.07 18.17
C MET A 303 -13.32 7.91 18.95
N ALA A 304 -13.54 8.78 19.92
CA ALA A 304 -14.75 8.72 20.72
C ALA A 304 -15.94 9.28 19.94
N LEU A 305 -15.64 10.03 18.88
CA LEU A 305 -16.68 10.63 18.04
C LEU A 305 -17.20 9.62 17.03
N THR A 306 -16.50 8.49 16.90
CA THR A 306 -16.89 7.45 15.95
C THR A 306 -17.92 6.50 16.53
N ASN A 307 -18.53 5.70 15.66
CA ASN A 307 -19.53 4.72 16.06
C ASN A 307 -18.81 3.45 16.52
N ASN A 308 -18.07 3.55 17.62
CA ASN A 308 -17.33 2.43 18.16
C ASN A 308 -16.51 1.87 17.00
N GLY A 309 -15.95 2.79 16.21
CA GLY A 309 -15.16 2.42 15.05
C GLY A 309 -13.77 1.89 15.33
N VAL A 310 -13.22 1.21 14.32
CA VAL A 310 -11.89 0.63 14.43
C VAL A 310 -10.85 1.60 13.85
N PHE A 311 -9.62 1.46 14.32
CA PHE A 311 -8.51 2.28 13.86
C PHE A 311 -7.37 1.40 13.39
N SER A 312 -6.67 1.85 12.35
CA SER A 312 -5.54 1.09 11.84
C SER A 312 -4.58 2.02 11.13
N HIS A 313 -3.35 1.53 10.96
CA HIS A 313 -2.29 2.26 10.28
C HIS A 313 -1.45 1.17 9.64
N CYS A 314 -0.85 1.46 8.49
CA CYS A 314 -0.04 0.48 7.77
C CYS A 314 1.26 0.11 8.49
N LEU A 315 1.74 0.99 9.36
CA LEU A 315 2.99 0.80 10.09
C LEU A 315 4.14 0.92 9.08
N PRO A 316 5.34 1.34 9.53
CA PRO A 316 5.75 1.73 10.90
C PRO A 316 5.07 3.01 11.39
N LEU A 317 4.69 3.02 12.66
CA LEU A 317 4.01 4.18 13.23
C LEU A 317 4.76 4.82 14.40
N ARG A 318 4.87 6.15 14.34
CA ARG A 318 5.53 6.92 15.39
C ARG A 318 4.49 7.24 16.46
N ARG A 319 4.61 6.60 17.62
CA ARG A 319 3.67 6.84 18.71
C ARG A 319 3.73 8.26 19.25
N ASN A 320 2.56 8.79 19.62
CA ASN A 320 2.43 10.14 20.15
C ASN A 320 2.72 11.21 19.10
N VAL A 321 2.73 10.79 17.85
CA VAL A 321 2.98 11.70 16.72
C VAL A 321 1.85 11.45 15.71
N ALA A 323 -0.45 8.71 16.15
CA ALA A 323 -1.54 8.26 16.99
C ALA A 323 -0.99 8.18 18.40
N THR A 324 -1.87 8.33 19.40
CA THR A 324 -1.44 8.29 20.79
C THR A 324 -1.31 6.86 21.30
N ASP A 325 -0.56 6.68 22.38
CA ASP A 325 -0.37 5.36 22.97
C ASP A 325 -1.71 4.72 23.30
N ALA A 326 -2.63 5.52 23.83
CA ALA A 326 -3.96 5.04 24.20
C ALA A 326 -4.68 4.46 22.99
N VAL A 327 -4.62 5.15 21.86
CA VAL A 327 -5.28 4.69 20.65
C VAL A 327 -4.64 3.40 20.15
N MET A 328 -3.32 3.35 20.14
CA MET A 328 -2.60 2.16 19.67
C MET A 328 -2.85 0.93 20.53
N ASP A 329 -3.04 1.11 21.82
CA ASP A 329 -3.28 -0.02 22.72
C ASP A 329 -4.77 -0.28 22.95
N SER A 330 -5.60 0.46 22.23
CA SER A 330 -7.05 0.32 22.34
C SER A 330 -7.50 -1.00 21.70
N PRO A 331 -8.56 -1.61 22.25
CA PRO A 331 -9.04 -2.86 21.67
C PRO A 331 -9.63 -2.65 20.28
N ASN A 332 -9.80 -1.38 19.90
CA ASN A 332 -10.34 -1.05 18.58
C ASN A 332 -9.26 -0.88 17.53
N CYS A 333 -8.00 -0.92 17.95
CA CYS A 333 -6.88 -0.80 17.02
C CYS A 333 -6.59 -2.18 16.44
N ILE A 334 -6.79 -2.33 15.13
CA ILE A 334 -6.56 -3.63 14.49
C ILE A 334 -5.29 -3.66 13.64
N ALA A 335 -4.42 -2.68 13.83
CA ALA A 335 -3.18 -2.59 13.07
C ALA A 335 -2.33 -3.87 13.12
N ILE A 336 -2.31 -4.55 14.25
CA ILE A 336 -1.48 -5.76 14.33
C ILE A 336 -2.11 -6.88 13.49
N ASP A 337 -3.43 -6.91 13.45
CA ASP A 337 -4.13 -7.91 12.66
C ASP A 337 -3.94 -7.63 11.18
N GLU A 338 -3.98 -6.36 10.81
CA GLU A 338 -3.77 -5.99 9.40
C GLU A 338 -2.35 -6.36 9.01
N ALA A 339 -1.40 -6.11 9.92
CA ALA A 339 0.01 -6.45 9.67
C ALA A 339 0.14 -7.95 9.44
N GLU A 340 -0.52 -8.75 10.27
CA GLU A 340 -0.45 -10.20 10.10
C GLU A 340 -1.00 -10.60 8.74
N ASN A 341 -2.12 -10.01 8.37
CA ASN A 341 -2.76 -10.33 7.11
C ASN A 341 -1.89 -10.12 5.87
N ARG A 342 -0.84 -9.32 5.99
CA ARG A 342 0.06 -9.10 4.87
C ARG A 342 0.60 -10.46 4.40
N LEU A 343 0.89 -11.34 5.37
CA LEU A 343 1.41 -12.68 5.07
C LEU A 343 0.42 -13.51 4.27
N HIS A 344 -0.81 -13.55 4.74
CA HIS A 344 -1.86 -14.33 4.09
C HIS A 344 -2.27 -13.85 2.71
N VAL A 345 -2.46 -12.54 2.57
CA VAL A 345 -2.86 -11.98 1.29
C VAL A 345 -1.78 -12.16 0.23
N GLN A 346 -0.53 -12.02 0.64
CA GLN A 346 0.59 -12.17 -0.27
C GLN A 346 0.75 -13.59 -0.76
N LYS A 347 0.49 -14.56 0.11
CA LYS A 347 0.59 -15.95 -0.30
C LYS A 347 -0.50 -16.22 -1.34
N ALA A 348 -1.67 -15.63 -1.14
CA ALA A 348 -2.78 -15.78 -2.09
C ALA A 348 -2.40 -15.17 -3.44
N ILE A 349 -1.71 -14.02 -3.40
CA ILE A 349 -1.27 -13.35 -4.63
C ILE A 349 -0.23 -14.19 -5.38
N MET A 350 0.77 -14.69 -4.66
CA MET A 350 1.80 -15.50 -5.31
C MET A 350 1.21 -16.78 -5.90
N ALA A 351 0.30 -17.42 -5.15
CA ALA A 351 -0.32 -18.65 -5.63
C ALA A 351 -1.12 -18.40 -6.91
N ALA A 352 -1.81 -17.26 -6.97
CA ALA A 352 -2.61 -16.91 -8.13
C ALA A 352 -1.79 -16.58 -9.36
N LEU A 353 -0.60 -16.02 -9.15
CA LEU A 353 0.24 -15.62 -10.28
C LEU A 353 1.07 -16.75 -10.88
N VAL A 354 1.42 -17.75 -10.08
CA VAL A 354 2.19 -18.88 -10.60
C VAL A 354 1.25 -19.82 -11.34
#